data_3B55
#
_entry.id   3B55
#
_cell.length_a   49.893
_cell.length_b   67.710
_cell.length_c   119.898
_cell.angle_alpha   90.00
_cell.angle_beta   90.00
_cell.angle_gamma   90.00
#
_symmetry.space_group_name_H-M   'P 21 21 21'
#
loop_
_entity.id
_entity.type
_entity.pdbx_description
1 polymer 'Succinoglycan biosynthesis protein'
2 non-polymer 'CALCIUM ION'
3 water water
#
_entity_poly.entity_id   1
_entity_poly.type   'polypeptide(L)'
_entity_poly.pdbx_seq_one_letter_code
;(MSE)KKKIIIAIVASAIT(MSE)THFVGNTYADSKTEVSVTAPYNTNQIAKWLEAHAKPLKTTNPTASLNDLKPLKN
(MSE)VGSASIVGLGEATHGAHEVFT(MSE)KHRIVKYLVSEKGFTNLVLEEGWDRALELDRYVLTGKGNPSQHLTPVFK
TKE(MSE)LDLLDWIRQYNANPKHKSKVRVIG(MSE)DIQSVNENVYNNIIEYIKANNSKLLPRVEEKIKGLIPVTKD
(MSE)NTFESLTKEEKEKYVLDAKTISALLEENKSYLNGKSKEFAWIKQNARIIEQFTT(MSE)LATPPDKPADFYLKHD
IA(MSE)YENAKWTEEHLGKTIVWGHNGHVSKTN(MSE)LSFIYPKVAGQHLAEYYGKRYVSIGTSVYEGQYNVKNSDGE
FGPYGTLKSDDPNSYNYIFGQVKKDQFFIDLRKANGVTKTWLNEQHPIFAGITTEGPDIPKTVDISLGKAFDILVQIQKV
SPSQVHQLEHHHHHH
;
_entity_poly.pdbx_strand_id   A
#
loop_
_chem_comp.id
_chem_comp.type
_chem_comp.name
_chem_comp.formula
CA non-polymer 'CALCIUM ION' 'Ca 2'
#
# COMPACT_ATOMS: atom_id res chain seq x y z
N PRO A 36 -27.01 26.74 4.67
CA PRO A 36 -25.57 27.09 4.67
C PRO A 36 -24.91 26.63 5.97
N TYR A 37 -24.22 25.49 5.92
CA TYR A 37 -23.58 24.96 7.13
C TYR A 37 -22.38 25.76 7.61
N ASN A 38 -22.14 25.66 8.92
CA ASN A 38 -21.08 26.35 9.62
C ASN A 38 -19.98 25.37 10.03
N THR A 39 -18.83 25.44 9.35
CA THR A 39 -17.70 24.55 9.61
C THR A 39 -17.17 24.59 11.04
N ASN A 40 -17.49 25.63 11.80
CA ASN A 40 -17.02 25.69 13.18
C ASN A 40 -17.88 24.74 14.01
N GLN A 41 -19.13 24.57 13.58
CA GLN A 41 -20.06 23.66 14.26
C GLN A 41 -19.74 22.23 13.88
N ILE A 42 -19.30 22.04 12.65
CA ILE A 42 -18.94 20.73 12.16
C ILE A 42 -17.79 20.19 13.01
N ALA A 43 -16.81 21.05 13.27
CA ALA A 43 -15.63 20.69 14.06
C ALA A 43 -16.00 20.30 15.49
N LYS A 44 -17.17 20.75 15.94
CA LYS A 44 -17.64 20.46 17.29
C LYS A 44 -18.37 19.12 17.29
N TRP A 45 -18.99 18.79 16.16
CA TRP A 45 -19.71 17.52 16.02
C TRP A 45 -18.65 16.42 15.94
N LEU A 46 -17.55 16.73 15.26
CA LEU A 46 -16.45 15.79 15.09
C LEU A 46 -15.82 15.46 16.44
N GLU A 47 -15.74 16.47 17.31
CA GLU A 47 -15.16 16.31 18.63
C GLU A 47 -16.01 15.38 19.50
N ALA A 48 -17.33 15.52 19.38
CA ALA A 48 -18.25 14.72 20.17
C ALA A 48 -18.33 13.26 19.70
N HIS A 49 -17.96 13.01 18.44
CA HIS A 49 -18.01 11.64 17.92
C HIS A 49 -16.65 11.01 17.71
N ALA A 50 -15.60 11.76 17.98
CA ALA A 50 -14.25 11.25 17.80
C ALA A 50 -13.89 10.26 18.91
N LYS A 51 -13.21 9.19 18.53
CA LYS A 51 -12.76 8.17 19.46
C LYS A 51 -11.32 8.57 19.75
N PRO A 52 -11.03 9.00 20.99
CA PRO A 52 -9.68 9.41 21.37
C PRO A 52 -8.59 8.34 21.36
N LEU A 53 -7.45 8.71 20.80
CA LEU A 53 -6.28 7.84 20.72
C LEU A 53 -5.33 8.38 21.78
N LYS A 54 -4.99 7.54 22.74
CA LYS A 54 -4.12 7.93 23.84
C LYS A 54 -2.68 8.24 23.44
N THR A 55 -2.13 7.47 22.50
CA THR A 55 -0.74 7.68 22.07
C THR A 55 -0.57 7.22 20.62
N THR A 56 0.67 7.34 20.13
CA THR A 56 1.05 6.87 18.80
C THR A 56 2.19 5.87 19.00
N ASN A 57 2.48 5.58 20.27
CA ASN A 57 3.55 4.63 20.64
C ASN A 57 3.08 3.21 20.31
N PRO A 58 3.86 2.49 19.50
CA PRO A 58 3.51 1.12 19.12
C PRO A 58 3.39 0.11 20.26
N THR A 59 4.15 0.29 21.34
CA THR A 59 4.13 -0.63 22.46
C THR A 59 3.10 -0.32 23.53
N ALA A 60 2.36 0.77 23.36
CA ALA A 60 1.34 1.14 24.34
C ALA A 60 0.14 0.21 24.19
N SER A 61 -0.67 0.12 25.25
CA SER A 61 -1.87 -0.71 25.25
C SER A 61 -2.70 -0.45 24.00
N LEU A 62 -3.36 -1.50 23.49
CA LEU A 62 -4.19 -1.39 22.30
C LEU A 62 -5.64 -1.09 22.65
N ASN A 63 -5.93 -0.89 23.93
CA ASN A 63 -7.28 -0.62 24.40
C ASN A 63 -8.04 0.52 23.75
N ASP A 64 -7.35 1.60 23.36
CA ASP A 64 -8.05 2.71 22.74
C ASP A 64 -8.52 2.39 21.33
N LEU A 65 -8.06 1.27 20.78
CA LEU A 65 -8.45 0.85 19.43
C LEU A 65 -9.66 -0.09 19.40
N LYS A 66 -10.17 -0.44 20.57
CA LYS A 66 -11.32 -1.33 20.68
C LYS A 66 -12.52 -0.91 19.83
N PRO A 67 -12.80 0.40 19.72
CA PRO A 67 -13.95 0.85 18.92
C PRO A 67 -13.83 0.44 17.44
N LEU A 68 -12.64 0.02 17.06
CA LEU A 68 -12.38 -0.37 15.68
C LEU A 68 -12.97 -1.75 15.36
N LYS A 69 -13.10 -2.59 16.39
CA LYS A 69 -13.65 -3.93 16.18
C LYS A 69 -14.91 -3.90 15.33
N ASN A 70 -15.93 -3.19 15.81
CA ASN A 70 -17.18 -3.10 15.08
C ASN A 70 -17.17 -2.19 13.85
N MSE A 71 -16.22 -1.26 13.76
CA MSE A 71 -16.16 -0.40 12.60
C MSE A 71 -15.73 -1.22 11.40
O MSE A 71 -16.31 -1.14 10.31
CB MSE A 71 -15.16 0.73 12.81
CG MSE A 71 -15.72 1.89 13.60
SE MSE A 71 -14.37 3.22 13.83
CE MSE A 71 -14.98 3.99 15.51
N VAL A 72 -14.69 -2.04 11.59
CA VAL A 72 -14.16 -2.90 10.55
C VAL A 72 -15.14 -4.04 10.28
N GLY A 73 -15.75 -4.57 11.33
CA GLY A 73 -16.71 -5.65 11.17
C GLY A 73 -16.14 -6.93 10.60
N SER A 74 -16.81 -7.47 9.59
CA SER A 74 -16.38 -8.71 8.95
C SER A 74 -15.64 -8.48 7.62
N ALA A 75 -15.14 -7.27 7.40
CA ALA A 75 -14.41 -6.97 6.17
C ALA A 75 -13.24 -7.93 5.99
N SER A 76 -13.00 -8.32 4.74
CA SER A 76 -11.93 -9.26 4.41
C SER A 76 -10.60 -8.55 4.11
N ILE A 77 -10.70 -7.29 3.74
CA ILE A 77 -9.52 -6.54 3.37
C ILE A 77 -9.71 -5.08 3.77
N VAL A 78 -8.74 -4.58 4.54
CA VAL A 78 -8.77 -3.22 5.06
C VAL A 78 -7.61 -2.37 4.54
N GLY A 79 -7.95 -1.28 3.87
CA GLY A 79 -6.94 -0.38 3.34
C GLY A 79 -6.52 0.53 4.48
N LEU A 80 -5.21 0.68 4.69
CA LEU A 80 -4.71 1.54 5.76
C LEU A 80 -3.76 2.55 5.13
N GLY A 81 -4.27 3.74 4.84
CA GLY A 81 -3.45 4.74 4.19
C GLY A 81 -2.65 5.68 5.06
N GLU A 82 -1.58 6.22 4.49
CA GLU A 82 -0.72 7.17 5.20
C GLU A 82 -0.82 8.51 4.48
N ALA A 83 -1.15 9.56 5.21
CA ALA A 83 -1.28 10.88 4.60
C ALA A 83 -0.03 11.26 3.84
N THR A 84 1.11 10.73 4.29
CA THR A 84 2.40 11.00 3.67
C THR A 84 3.37 9.87 4.01
N HIS A 85 4.39 9.70 3.16
CA HIS A 85 5.39 8.67 3.40
C HIS A 85 6.55 9.16 4.26
N GLY A 86 6.47 10.37 4.78
CA GLY A 86 7.56 10.88 5.58
C GLY A 86 7.27 11.37 6.99
N ALA A 87 6.28 10.79 7.66
CA ALA A 87 5.96 11.20 9.02
C ALA A 87 6.07 10.03 10.00
N HIS A 88 6.73 10.29 11.12
CA HIS A 88 6.95 9.30 12.18
C HIS A 88 5.68 8.79 12.85
N GLU A 89 4.85 9.72 13.34
CA GLU A 89 3.61 9.38 14.02
C GLU A 89 2.62 8.65 13.13
N VAL A 90 2.65 8.97 11.84
CA VAL A 90 1.74 8.31 10.92
C VAL A 90 2.14 6.85 10.82
N PHE A 91 3.44 6.59 10.68
CA PHE A 91 3.91 5.22 10.59
C PHE A 91 3.60 4.45 11.88
N THR A 92 3.98 4.99 13.03
CA THR A 92 3.74 4.29 14.29
C THR A 92 2.27 4.05 14.60
N MSE A 93 1.40 5.00 14.23
CA MSE A 93 -0.03 4.83 14.48
C MSE A 93 -0.58 3.71 13.60
O MSE A 93 -1.49 2.98 13.98
CB MSE A 93 -0.78 6.13 14.18
CG MSE A 93 -2.24 6.09 14.57
SE MSE A 93 -2.52 5.73 16.47
CE MSE A 93 -2.24 7.49 17.17
N LYS A 94 -0.02 3.57 12.39
CA LYS A 94 -0.46 2.54 11.48
C LYS A 94 0.04 1.19 11.99
N HIS A 95 1.19 1.22 12.66
CA HIS A 95 1.79 0.04 13.24
C HIS A 95 0.84 -0.48 14.33
N ARG A 96 0.37 0.43 15.17
CA ARG A 96 -0.54 0.07 16.25
C ARG A 96 -1.83 -0.57 15.73
N ILE A 97 -2.35 -0.05 14.63
CA ILE A 97 -3.58 -0.58 14.03
C ILE A 97 -3.37 -1.99 13.48
N VAL A 98 -2.27 -2.20 12.78
CA VAL A 98 -1.96 -3.52 12.25
C VAL A 98 -1.98 -4.48 13.43
N LYS A 99 -1.28 -4.09 14.51
CA LYS A 99 -1.19 -4.88 15.73
C LYS A 99 -2.58 -5.27 16.21
N TYR A 100 -3.48 -4.29 16.27
CA TYR A 100 -4.85 -4.52 16.70
C TYR A 100 -5.60 -5.46 15.76
N LEU A 101 -5.54 -5.17 14.47
CA LEU A 101 -6.21 -5.99 13.47
C LEU A 101 -5.68 -7.42 13.45
N VAL A 102 -4.38 -7.59 13.65
CA VAL A 102 -3.80 -8.93 13.66
C VAL A 102 -4.21 -9.77 14.88
N SER A 103 -4.09 -9.19 16.08
CA SER A 103 -4.42 -9.93 17.29
C SER A 103 -5.88 -9.91 17.75
N GLU A 104 -6.70 -9.03 17.16
CA GLU A 104 -8.11 -8.97 17.56
C GLU A 104 -9.10 -9.26 16.44
N LYS A 105 -8.69 -9.08 15.19
CA LYS A 105 -9.62 -9.32 14.10
C LYS A 105 -9.21 -10.36 13.07
N GLY A 106 -8.26 -11.21 13.40
CA GLY A 106 -7.83 -12.28 12.49
C GLY A 106 -7.10 -11.95 11.20
N PHE A 107 -6.53 -10.75 11.06
CA PHE A 107 -5.82 -10.45 9.83
C PHE A 107 -4.46 -11.13 9.82
N THR A 108 -4.16 -11.81 8.73
CA THR A 108 -2.91 -12.56 8.61
C THR A 108 -1.98 -12.16 7.47
N ASN A 109 -2.32 -11.11 6.74
CA ASN A 109 -1.47 -10.67 5.64
C ASN A 109 -1.34 -9.17 5.60
N LEU A 110 -0.12 -8.71 5.38
CA LEU A 110 0.15 -7.29 5.28
C LEU A 110 0.70 -7.06 3.89
N VAL A 111 -0.08 -6.35 3.08
CA VAL A 111 0.33 -6.03 1.73
C VAL A 111 0.88 -4.62 1.76
N LEU A 112 2.16 -4.48 1.45
CA LEU A 112 2.80 -3.18 1.47
C LEU A 112 2.90 -2.57 0.09
N GLU A 113 2.86 -1.26 0.08
CA GLU A 113 3.00 -0.51 -1.14
C GLU A 113 4.50 -0.59 -1.40
N GLU A 114 4.98 -1.81 -1.61
CA GLU A 114 6.39 -2.08 -1.85
C GLU A 114 6.49 -3.09 -2.98
N GLY A 115 7.63 -3.11 -3.65
CA GLY A 115 7.81 -4.05 -4.74
C GLY A 115 7.57 -5.48 -4.30
N TRP A 116 6.89 -6.24 -5.14
CA TRP A 116 6.60 -7.64 -4.84
C TRP A 116 7.89 -8.44 -4.64
N ASP A 117 8.90 -8.14 -5.44
CA ASP A 117 10.18 -8.86 -5.32
C ASP A 117 10.92 -8.56 -4.03
N ARG A 118 10.97 -7.29 -3.66
CA ARG A 118 11.66 -6.89 -2.45
C ARG A 118 10.98 -7.47 -1.21
N ALA A 119 9.65 -7.52 -1.23
CA ALA A 119 8.91 -8.07 -0.09
C ALA A 119 9.13 -9.57 0.11
N LEU A 120 9.55 -10.27 -0.95
CA LEU A 120 9.82 -11.70 -0.85
C LEU A 120 10.89 -11.91 0.22
N GLU A 121 11.77 -10.92 0.36
CA GLU A 121 12.86 -10.95 1.33
C GLU A 121 12.40 -10.48 2.70
N LEU A 122 11.39 -9.62 2.74
CA LEU A 122 10.87 -9.12 4.01
C LEU A 122 10.07 -10.24 4.64
N ASP A 123 9.38 -11.00 3.78
CA ASP A 123 8.57 -12.12 4.23
C ASP A 123 9.48 -13.18 4.84
N ARG A 124 10.61 -13.41 4.19
CA ARG A 124 11.58 -14.38 4.67
C ARG A 124 12.13 -13.94 6.04
N TYR A 125 12.25 -12.63 6.22
CA TYR A 125 12.74 -12.08 7.48
C TYR A 125 11.75 -12.27 8.63
N VAL A 126 10.46 -12.05 8.38
CA VAL A 126 9.48 -12.20 9.45
C VAL A 126 9.12 -13.67 9.69
N LEU A 127 9.52 -14.53 8.77
CA LEU A 127 9.25 -15.96 8.90
C LEU A 127 10.39 -16.70 9.57
N THR A 128 11.62 -16.35 9.18
CA THR A 128 12.81 -17.00 9.70
C THR A 128 13.77 -16.12 10.49
N GLY A 129 13.54 -14.81 10.48
CA GLY A 129 14.42 -13.91 11.20
C GLY A 129 15.74 -13.69 10.48
N LYS A 130 15.88 -14.30 9.30
CA LYS A 130 17.10 -14.18 8.51
C LYS A 130 16.99 -13.07 7.47
N GLY A 131 18.12 -12.42 7.19
CA GLY A 131 18.14 -11.35 6.20
C GLY A 131 18.37 -9.98 6.78
N ASN A 132 18.45 -8.98 5.91
CA ASN A 132 18.66 -7.59 6.32
C ASN A 132 17.59 -6.74 5.63
N PRO A 133 16.43 -6.57 6.28
CA PRO A 133 15.26 -5.82 5.84
C PRO A 133 15.51 -4.46 5.20
N SER A 134 16.29 -3.62 5.86
CA SER A 134 16.59 -2.27 5.36
C SER A 134 17.29 -2.29 3.99
N GLN A 135 17.88 -3.43 3.66
CA GLN A 135 18.61 -3.59 2.41
C GLN A 135 17.64 -3.72 1.22
N HIS A 136 16.44 -4.21 1.50
CA HIS A 136 15.44 -4.42 0.45
C HIS A 136 14.30 -3.42 0.45
N LEU A 137 14.16 -2.68 1.55
CA LEU A 137 13.11 -1.69 1.63
C LEU A 137 13.44 -0.56 0.64
N THR A 138 12.40 0.03 0.06
CA THR A 138 12.60 1.15 -0.86
C THR A 138 13.19 2.27 -0.02
N PRO A 139 14.11 3.07 -0.61
CA PRO A 139 14.77 4.19 0.07
C PRO A 139 13.88 5.04 1.00
N VAL A 140 12.74 5.49 0.50
CA VAL A 140 11.85 6.30 1.32
C VAL A 140 11.30 5.53 2.51
N PHE A 141 11.32 4.20 2.44
CA PHE A 141 10.83 3.38 3.55
C PHE A 141 11.96 2.79 4.39
N LYS A 142 13.20 3.14 4.09
CA LYS A 142 14.31 2.64 4.88
C LYS A 142 14.31 3.50 6.15
N THR A 143 13.39 3.21 7.06
CA THR A 143 13.28 3.99 8.28
C THR A 143 13.16 3.08 9.50
N LYS A 144 13.41 3.66 10.66
CA LYS A 144 13.35 2.95 11.92
C LYS A 144 11.94 2.40 12.22
N GLU A 145 10.92 3.18 11.90
CA GLU A 145 9.55 2.75 12.16
C GLU A 145 9.21 1.50 11.39
N MSE A 146 9.63 1.48 10.11
CA MSE A 146 9.38 0.36 9.23
C MSE A 146 10.09 -0.88 9.76
O MSE A 146 9.53 -1.97 9.80
CB MSE A 146 9.89 0.69 7.82
CG MSE A 146 9.49 -0.32 6.76
SE MSE A 146 7.58 -0.70 6.81
CE MSE A 146 6.90 1.14 6.95
N LEU A 147 11.34 -0.71 10.20
CA LEU A 147 12.08 -1.84 10.74
C LEU A 147 11.50 -2.33 12.05
N ASP A 148 10.86 -1.43 12.82
CA ASP A 148 10.25 -1.86 14.09
C ASP A 148 8.99 -2.66 13.79
N LEU A 149 8.27 -2.25 12.74
CA LEU A 149 7.05 -2.93 12.35
C LEU A 149 7.38 -4.37 11.93
N LEU A 150 8.42 -4.49 11.11
CA LEU A 150 8.85 -5.80 10.63
C LEU A 150 9.38 -6.65 11.78
N ASP A 151 10.11 -6.02 12.70
CA ASP A 151 10.64 -6.75 13.84
C ASP A 151 9.49 -7.22 14.72
N TRP A 152 8.45 -6.40 14.89
CA TRP A 152 7.32 -6.85 15.70
C TRP A 152 6.66 -8.05 15.02
N ILE A 153 6.56 -8.00 13.68
CA ILE A 153 5.93 -9.11 12.97
C ILE A 153 6.78 -10.37 13.09
N ARG A 154 8.10 -10.21 13.06
CA ARG A 154 9.01 -11.35 13.20
C ARG A 154 8.79 -11.98 14.58
N GLN A 155 8.66 -11.14 15.60
CA GLN A 155 8.44 -11.61 16.97
C GLN A 155 7.09 -12.29 17.11
N TYR A 156 6.06 -11.66 16.57
CA TYR A 156 4.72 -12.23 16.64
C TYR A 156 4.68 -13.61 16.01
N ASN A 157 5.39 -13.78 14.89
CA ASN A 157 5.43 -15.06 14.19
C ASN A 157 6.21 -16.19 14.88
N ALA A 158 7.14 -15.83 15.78
CA ALA A 158 7.93 -16.83 16.48
C ALA A 158 7.35 -17.19 17.84
N ASN A 159 6.28 -16.49 18.23
CA ASN A 159 5.61 -16.73 19.51
C ASN A 159 4.68 -17.92 19.31
N PRO A 160 4.91 -19.01 20.06
CA PRO A 160 4.12 -20.25 20.01
C PRO A 160 2.67 -20.10 20.46
N LYS A 161 2.37 -18.98 21.10
CA LYS A 161 1.02 -18.75 21.61
C LYS A 161 0.02 -18.23 20.57
N HIS A 162 0.53 -17.80 19.42
CA HIS A 162 -0.34 -17.31 18.36
C HIS A 162 -0.51 -18.46 17.37
N LYS A 163 -1.76 -18.85 17.11
CA LYS A 163 -2.02 -19.96 16.20
C LYS A 163 -2.03 -19.54 14.74
N SER A 164 -1.44 -18.39 14.43
CA SER A 164 -1.41 -17.93 13.05
C SER A 164 -0.23 -16.98 12.80
N LYS A 165 0.30 -17.01 11.59
CA LYS A 165 1.41 -16.16 11.20
C LYS A 165 1.00 -15.06 10.24
N VAL A 166 1.72 -13.95 10.29
CA VAL A 166 1.47 -12.81 9.42
C VAL A 166 2.44 -12.86 8.25
N ARG A 167 1.92 -12.82 7.02
CA ARG A 167 2.75 -12.85 5.82
C ARG A 167 2.93 -11.45 5.28
N VAL A 168 4.08 -11.17 4.69
CA VAL A 168 4.36 -9.87 4.12
C VAL A 168 4.42 -9.94 2.60
N ILE A 169 3.51 -9.22 1.95
CA ILE A 169 3.44 -9.20 0.49
C ILE A 169 3.68 -7.79 -0.07
N GLY A 170 4.23 -7.74 -1.27
CA GLY A 170 4.48 -6.47 -1.93
C GLY A 170 3.60 -6.39 -3.16
N MSE A 171 2.81 -5.32 -3.26
CA MSE A 171 1.93 -5.17 -4.41
C MSE A 171 2.50 -4.30 -5.53
O MSE A 171 1.94 -4.26 -6.62
CB MSE A 171 0.57 -4.62 -3.95
CG MSE A 171 0.60 -3.18 -3.51
SE MSE A 171 -1.13 -2.53 -2.93
CE MSE A 171 -0.55 -1.03 -1.86
N ASP A 172 3.61 -3.61 -5.27
CA ASP A 172 4.20 -2.74 -6.29
C ASP A 172 5.09 -3.48 -7.29
N ILE A 173 5.25 -2.89 -8.47
CA ILE A 173 6.05 -3.48 -9.55
C ILE A 173 7.01 -2.50 -10.23
N GLN A 174 7.80 -1.76 -9.47
CA GLN A 174 8.74 -0.83 -10.06
C GLN A 174 9.93 -1.61 -10.60
N SER A 175 9.94 -2.90 -10.34
CA SER A 175 11.01 -3.78 -10.79
C SER A 175 10.67 -5.25 -10.56
N VAL A 176 11.42 -6.13 -11.20
CA VAL A 176 11.24 -7.57 -11.08
C VAL A 176 12.63 -8.16 -10.97
N ASN A 177 13.15 -8.19 -9.74
CA ASN A 177 14.50 -8.70 -9.54
C ASN A 177 14.60 -10.20 -9.79
N GLU A 178 15.83 -10.70 -9.73
CA GLU A 178 16.13 -12.09 -9.99
C GLU A 178 15.47 -13.12 -9.06
N ASN A 179 15.21 -12.75 -7.80
CA ASN A 179 14.59 -13.72 -6.88
C ASN A 179 13.24 -14.22 -7.38
N VAL A 180 12.51 -13.36 -8.07
CA VAL A 180 11.20 -13.74 -8.60
C VAL A 180 11.42 -14.82 -9.67
N TYR A 181 12.39 -14.59 -10.54
CA TYR A 181 12.71 -15.52 -11.62
C TYR A 181 13.21 -16.86 -11.07
N ASN A 182 14.03 -16.81 -10.03
CA ASN A 182 14.54 -18.03 -9.43
C ASN A 182 13.45 -18.87 -8.78
N ASN A 183 12.37 -18.24 -8.34
CA ASN A 183 11.27 -18.99 -7.75
C ASN A 183 10.61 -19.86 -8.82
N ILE A 184 10.44 -19.27 -9.99
CA ILE A 184 9.83 -20.00 -11.11
C ILE A 184 10.79 -21.08 -11.60
N ILE A 185 12.06 -20.71 -11.76
CA ILE A 185 13.07 -21.65 -12.21
C ILE A 185 13.16 -22.86 -11.26
N GLU A 186 13.25 -22.58 -9.97
CA GLU A 186 13.37 -23.62 -8.96
C GLU A 186 12.18 -24.58 -8.88
N TYR A 187 10.97 -24.06 -9.05
CA TYR A 187 9.77 -24.88 -8.98
C TYR A 187 9.60 -25.81 -10.19
N ILE A 188 10.07 -25.37 -11.35
CA ILE A 188 9.95 -26.17 -12.56
C ILE A 188 11.01 -27.27 -12.54
N LYS A 189 12.18 -26.91 -12.05
CA LYS A 189 13.32 -27.82 -11.95
C LYS A 189 12.96 -28.96 -11.01
N ALA A 190 12.29 -28.61 -9.91
CA ALA A 190 11.88 -29.58 -8.90
C ALA A 190 10.62 -30.39 -9.25
N ASN A 191 9.64 -29.77 -9.90
CA ASN A 191 8.42 -30.50 -10.23
C ASN A 191 8.29 -31.08 -11.64
N ASN A 192 9.00 -30.50 -12.61
CA ASN A 192 8.93 -30.99 -13.98
C ASN A 192 10.08 -30.42 -14.78
N SER A 193 11.30 -30.81 -14.40
CA SER A 193 12.52 -30.35 -15.05
C SER A 193 12.52 -30.41 -16.57
N LYS A 194 11.69 -31.28 -17.15
CA LYS A 194 11.64 -31.41 -18.60
C LYS A 194 11.18 -30.11 -19.26
N LEU A 195 10.40 -29.30 -18.53
CA LEU A 195 9.88 -28.04 -19.04
C LEU A 195 10.86 -26.86 -19.02
N LEU A 196 11.93 -26.98 -18.24
CA LEU A 196 12.90 -25.90 -18.11
C LEU A 196 13.42 -25.27 -19.41
N PRO A 197 13.71 -26.07 -20.44
CA PRO A 197 14.20 -25.47 -21.68
C PRO A 197 13.27 -24.43 -22.30
N ARG A 198 11.98 -24.71 -22.25
CA ARG A 198 10.95 -23.83 -22.81
C ARG A 198 10.86 -22.49 -22.07
N VAL A 199 11.50 -22.39 -20.91
CA VAL A 199 11.45 -21.14 -20.13
C VAL A 199 12.81 -20.52 -19.79
N GLU A 200 13.78 -21.39 -19.50
CA GLU A 200 15.14 -21.03 -19.13
C GLU A 200 15.76 -19.74 -19.65
N GLU A 201 15.76 -19.51 -20.97
CA GLU A 201 16.38 -18.25 -21.40
C GLU A 201 15.41 -17.18 -21.86
N LYS A 202 14.12 -17.40 -21.65
CA LYS A 202 13.13 -16.40 -21.95
C LYS A 202 13.32 -15.52 -20.72
N ILE A 203 13.48 -16.21 -19.59
CA ILE A 203 13.68 -15.55 -18.30
C ILE A 203 15.10 -14.98 -18.23
N LYS A 204 16.03 -15.66 -18.91
CA LYS A 204 17.42 -15.22 -18.91
C LYS A 204 17.54 -13.88 -19.63
N GLY A 205 16.68 -13.66 -20.63
CA GLY A 205 16.71 -12.43 -21.38
C GLY A 205 15.90 -11.36 -20.67
N LEU A 206 14.91 -11.79 -19.90
CA LEU A 206 14.04 -10.86 -19.16
C LEU A 206 14.70 -10.26 -17.93
N ILE A 207 15.55 -11.03 -17.27
CA ILE A 207 16.22 -10.60 -16.05
C ILE A 207 16.91 -9.23 -16.15
N PRO A 208 17.86 -9.08 -17.10
CA PRO A 208 18.56 -7.81 -17.25
C PRO A 208 17.73 -6.57 -17.61
N VAL A 209 16.56 -6.76 -18.24
CA VAL A 209 15.73 -5.61 -18.61
C VAL A 209 14.63 -5.26 -17.62
N THR A 210 14.42 -6.10 -16.60
CA THR A 210 13.39 -5.81 -15.61
C THR A 210 14.01 -5.41 -14.28
N LYS A 211 15.32 -5.22 -14.23
CA LYS A 211 15.96 -4.85 -12.97
C LYS A 211 15.51 -3.47 -12.47
N ASP A 212 14.93 -2.68 -13.38
CA ASP A 212 14.41 -1.36 -13.04
C ASP A 212 13.70 -0.74 -14.25
N MSE A 213 12.67 0.05 -13.97
CA MSE A 213 11.86 0.68 -15.02
C MSE A 213 12.64 1.40 -16.11
O MSE A 213 12.27 1.35 -17.28
CB MSE A 213 10.87 1.66 -14.39
CG MSE A 213 9.91 1.02 -13.42
SE MSE A 213 8.52 2.24 -12.87
CE MSE A 213 9.62 3.48 -11.86
N ASN A 214 13.73 2.07 -15.73
CA ASN A 214 14.54 2.80 -16.69
C ASN A 214 15.14 1.90 -17.75
N THR A 215 15.60 0.73 -17.37
CA THR A 215 16.20 -0.18 -18.32
C THR A 215 15.17 -0.63 -19.35
N PHE A 216 13.98 -1.00 -18.88
CA PHE A 216 12.92 -1.47 -19.77
C PHE A 216 12.30 -0.41 -20.68
N GLU A 217 11.96 0.75 -20.13
CA GLU A 217 11.34 1.80 -20.92
C GLU A 217 12.33 2.42 -21.89
N SER A 218 13.62 2.20 -21.66
CA SER A 218 14.63 2.77 -22.54
C SER A 218 14.89 1.78 -23.68
N LEU A 219 13.99 0.82 -23.83
CA LEU A 219 14.11 -0.20 -24.87
C LEU A 219 13.36 0.25 -26.11
N THR A 220 13.61 -0.42 -27.23
CA THR A 220 12.91 -0.07 -28.45
C THR A 220 11.51 -0.67 -28.36
N LYS A 221 10.56 0.05 -28.95
CA LYS A 221 9.17 -0.38 -28.99
C LYS A 221 9.08 -1.87 -29.31
N GLU A 222 9.76 -2.26 -30.39
CA GLU A 222 9.76 -3.64 -30.82
C GLU A 222 10.33 -4.58 -29.75
N GLU A 223 11.29 -4.08 -28.96
CA GLU A 223 11.92 -4.87 -27.90
C GLU A 223 11.02 -5.12 -26.69
N LYS A 224 10.30 -4.08 -26.27
CA LYS A 224 9.41 -4.18 -25.13
C LYS A 224 8.28 -5.15 -25.42
N GLU A 225 7.80 -5.11 -26.66
CA GLU A 225 6.71 -5.97 -27.08
C GLU A 225 7.11 -7.45 -27.11
N LYS A 226 8.38 -7.72 -27.46
CA LYS A 226 8.87 -9.09 -27.50
C LYS A 226 8.97 -9.64 -26.08
N TYR A 227 9.34 -8.76 -25.15
CA TYR A 227 9.48 -9.16 -23.76
C TYR A 227 8.08 -9.35 -23.18
N VAL A 228 7.14 -8.53 -23.63
CA VAL A 228 5.77 -8.66 -23.16
C VAL A 228 5.29 -10.04 -23.57
N LEU A 229 5.70 -10.49 -24.76
CA LEU A 229 5.31 -11.80 -25.26
C LEU A 229 6.05 -12.91 -24.55
N ASP A 230 7.30 -12.66 -24.16
CA ASP A 230 8.06 -13.67 -23.44
C ASP A 230 7.40 -13.95 -22.11
N ALA A 231 6.91 -12.90 -21.45
CA ALA A 231 6.24 -13.05 -20.16
C ALA A 231 4.93 -13.79 -20.31
N LYS A 232 4.13 -13.40 -21.31
CA LYS A 232 2.86 -14.06 -21.56
C LYS A 232 3.08 -15.54 -21.78
N THR A 233 4.13 -15.84 -22.55
CA THR A 233 4.48 -17.22 -22.85
C THR A 233 4.89 -18.01 -21.61
N ILE A 234 5.63 -17.39 -20.70
CA ILE A 234 6.05 -18.07 -19.48
C ILE A 234 4.82 -18.46 -18.67
N SER A 235 3.90 -17.52 -18.49
CA SER A 235 2.67 -17.77 -17.75
C SER A 235 1.83 -18.81 -18.46
N ALA A 236 1.77 -18.70 -19.79
CA ALA A 236 1.00 -19.66 -20.58
C ALA A 236 1.60 -21.05 -20.39
N LEU A 237 2.92 -21.14 -20.33
CA LEU A 237 3.57 -22.43 -20.16
C LEU A 237 3.20 -23.09 -18.83
N LEU A 238 3.17 -22.31 -17.77
CA LEU A 238 2.83 -22.85 -16.46
C LEU A 238 1.37 -23.30 -16.42
N GLU A 239 0.50 -22.56 -17.11
CA GLU A 239 -0.92 -22.85 -17.14
C GLU A 239 -1.30 -24.15 -17.87
N GLU A 240 -0.67 -24.43 -19.02
CA GLU A 240 -1.00 -25.65 -19.75
C GLU A 240 -0.32 -26.90 -19.21
N ASN A 241 0.74 -26.72 -18.42
CA ASN A 241 1.45 -27.85 -17.82
C ASN A 241 1.05 -27.95 -16.35
N LYS A 242 -0.07 -27.31 -16.05
CA LYS A 242 -0.64 -27.27 -14.72
C LYS A 242 -0.65 -28.66 -14.05
N SER A 243 -1.28 -29.63 -14.69
CA SER A 243 -1.36 -30.99 -14.15
C SER A 243 -0.01 -31.68 -13.96
N TYR A 244 1.00 -31.27 -14.72
CA TYR A 244 2.32 -31.91 -14.60
C TYR A 244 3.19 -31.12 -13.62
N LEU A 245 2.58 -30.14 -12.96
CA LEU A 245 3.27 -29.27 -12.01
C LEU A 245 2.56 -29.19 -10.66
N ASN A 246 1.66 -30.13 -10.38
CA ASN A 246 0.92 -30.13 -9.11
C ASN A 246 0.16 -28.80 -9.04
N GLY A 247 -0.63 -28.55 -10.07
CA GLY A 247 -1.39 -27.32 -10.18
C GLY A 247 -2.50 -26.98 -9.19
N LYS A 248 -3.12 -27.98 -8.56
CA LYS A 248 -4.19 -27.68 -7.61
C LYS A 248 -3.63 -27.20 -6.28
N SER A 249 -2.32 -27.24 -6.12
CA SER A 249 -1.66 -26.84 -4.87
C SER A 249 -1.52 -25.35 -4.68
N LYS A 250 -1.22 -24.98 -3.44
CA LYS A 250 -1.04 -23.59 -3.05
C LYS A 250 0.33 -23.05 -3.45
N GLU A 251 1.28 -23.94 -3.67
CA GLU A 251 2.62 -23.51 -4.06
C GLU A 251 2.61 -23.16 -5.55
N PHE A 252 1.79 -23.87 -6.33
CA PHE A 252 1.71 -23.57 -7.75
C PHE A 252 1.01 -22.22 -7.90
N ALA A 253 0.16 -21.90 -6.93
CA ALA A 253 -0.56 -20.63 -6.95
C ALA A 253 0.48 -19.51 -6.84
N TRP A 254 1.43 -19.69 -5.93
CA TRP A 254 2.48 -18.70 -5.74
C TRP A 254 3.28 -18.50 -7.01
N ILE A 255 3.72 -19.60 -7.61
CA ILE A 255 4.52 -19.56 -8.84
C ILE A 255 3.80 -18.78 -9.93
N LYS A 256 2.53 -19.12 -10.14
CA LYS A 256 1.71 -18.47 -11.15
C LYS A 256 1.67 -16.96 -10.95
N GLN A 257 1.56 -16.52 -9.69
CA GLN A 257 1.51 -15.10 -9.38
C GLN A 257 2.84 -14.44 -9.64
N ASN A 258 3.93 -15.13 -9.31
CA ASN A 258 5.28 -14.61 -9.56
C ASN A 258 5.43 -14.34 -11.05
N ALA A 259 4.86 -15.22 -11.89
CA ALA A 259 4.94 -15.05 -13.34
C ALA A 259 4.04 -13.87 -13.71
N ARG A 260 2.91 -13.76 -13.03
CA ARG A 260 1.98 -12.67 -13.27
C ARG A 260 2.65 -11.31 -13.04
N ILE A 261 3.59 -11.27 -12.11
CA ILE A 261 4.30 -10.02 -11.81
C ILE A 261 5.12 -9.57 -13.02
N ILE A 262 5.75 -10.51 -13.71
CA ILE A 262 6.56 -10.22 -14.87
C ILE A 262 5.70 -9.62 -15.99
N GLU A 263 4.49 -10.15 -16.16
CA GLU A 263 3.58 -9.61 -17.17
C GLU A 263 3.12 -8.20 -16.77
N GLN A 264 2.87 -8.02 -15.48
CA GLN A 264 2.43 -6.71 -14.99
C GLN A 264 3.50 -5.67 -15.26
N PHE A 265 4.75 -6.04 -14.99
CA PHE A 265 5.85 -5.11 -15.21
C PHE A 265 6.06 -4.81 -16.69
N THR A 266 6.14 -5.84 -17.52
CA THR A 266 6.38 -5.63 -18.95
C THR A 266 5.24 -4.90 -19.66
N THR A 267 4.00 -5.27 -19.36
CA THR A 267 2.84 -4.64 -19.99
C THR A 267 2.71 -3.16 -19.62
N MSE A 268 2.87 -2.86 -18.34
CA MSE A 268 2.78 -1.48 -17.88
C MSE A 268 3.79 -0.57 -18.56
O MSE A 268 3.48 0.57 -18.90
CB MSE A 268 3.00 -1.41 -16.36
CG MSE A 268 3.43 -0.01 -15.89
SE MSE A 268 3.72 0.18 -13.98
CE MSE A 268 5.46 -0.68 -13.82
N LEU A 269 5.00 -1.07 -18.75
CA LEU A 269 6.06 -0.28 -19.37
C LEU A 269 6.16 -0.38 -20.89
N ALA A 270 5.23 -1.13 -21.49
CA ALA A 270 5.20 -1.30 -22.94
C ALA A 270 4.08 -0.41 -23.47
N THR A 271 3.57 0.45 -22.60
CA THR A 271 2.51 1.37 -22.96
C THR A 271 2.92 2.32 -24.07
N PRO A 272 2.09 2.45 -25.10
CA PRO A 272 2.40 3.35 -26.23
C PRO A 272 2.35 4.83 -25.84
N PRO A 273 3.17 5.66 -26.52
CA PRO A 273 3.20 7.09 -26.24
C PRO A 273 1.89 7.85 -26.50
N ASP A 274 0.99 7.27 -27.28
CA ASP A 274 -0.27 7.96 -27.56
C ASP A 274 -1.31 7.76 -26.46
N LYS A 275 -0.94 7.00 -25.43
CA LYS A 275 -1.82 6.75 -24.29
C LYS A 275 -0.98 6.83 -23.02
N PRO A 276 -0.34 7.98 -22.78
CA PRO A 276 0.51 8.22 -21.61
C PRO A 276 -0.13 7.96 -20.25
N ALA A 277 -1.43 8.14 -20.14
CA ALA A 277 -2.11 7.91 -18.86
C ALA A 277 -2.20 6.44 -18.48
N ASP A 278 -2.13 5.55 -19.47
CA ASP A 278 -2.22 4.11 -19.21
C ASP A 278 -1.09 3.55 -18.36
N PHE A 279 0.04 4.25 -18.28
CA PHE A 279 1.15 3.78 -17.46
C PHE A 279 0.67 3.68 -16.01
N TYR A 280 -0.03 4.71 -15.57
CA TYR A 280 -0.56 4.80 -14.22
C TYR A 280 -1.80 3.95 -14.02
N LEU A 281 -2.64 3.85 -15.04
CA LEU A 281 -3.84 3.04 -14.94
C LEU A 281 -3.38 1.61 -14.71
N LYS A 282 -2.45 1.15 -15.53
CA LYS A 282 -1.92 -0.20 -15.42
C LYS A 282 -1.16 -0.38 -14.11
N HIS A 283 -0.51 0.67 -13.63
CA HIS A 283 0.24 0.56 -12.40
C HIS A 283 -0.67 0.15 -11.25
N ASP A 284 -1.74 0.92 -11.02
CA ASP A 284 -2.62 0.58 -9.91
C ASP A 284 -3.55 -0.59 -10.17
N ILE A 285 -3.73 -0.96 -11.43
CA ILE A 285 -4.55 -2.12 -11.72
C ILE A 285 -3.73 -3.30 -11.16
N ALA A 286 -2.43 -3.31 -11.44
CA ALA A 286 -1.54 -4.34 -10.96
C ALA A 286 -1.49 -4.41 -9.43
N MSE A 287 -1.32 -3.27 -8.77
CA MSE A 287 -1.27 -3.24 -7.30
C MSE A 287 -2.57 -3.82 -6.74
O MSE A 287 -2.57 -4.53 -5.74
CB MSE A 287 -1.08 -1.81 -6.77
CG MSE A 287 0.22 -1.15 -7.21
SE MSE A 287 1.05 -0.07 -5.82
CE MSE A 287 -0.12 1.47 -5.85
N TYR A 288 -3.67 -3.48 -7.40
CA TYR A 288 -5.01 -3.94 -7.02
C TYR A 288 -5.07 -5.45 -7.13
N GLU A 289 -4.59 -5.96 -8.26
CA GLU A 289 -4.59 -7.39 -8.54
C GLU A 289 -3.75 -8.17 -7.53
N ASN A 290 -2.62 -7.58 -7.14
CA ASN A 290 -1.73 -8.23 -6.18
C ASN A 290 -2.34 -8.24 -4.79
N ALA A 291 -3.07 -7.18 -4.45
CA ALA A 291 -3.72 -7.09 -3.15
C ALA A 291 -4.92 -8.04 -3.15
N LYS A 292 -5.58 -8.16 -4.29
CA LYS A 292 -6.74 -9.04 -4.41
C LYS A 292 -6.29 -10.50 -4.35
N TRP A 293 -5.21 -10.81 -5.07
CA TRP A 293 -4.67 -12.16 -5.08
C TRP A 293 -4.37 -12.63 -3.63
N THR A 294 -3.80 -11.74 -2.83
CA THR A 294 -3.44 -12.07 -1.44
C THR A 294 -4.67 -12.45 -0.61
N GLU A 295 -5.67 -11.59 -0.61
CA GLU A 295 -6.90 -11.83 0.13
C GLU A 295 -7.57 -13.13 -0.36
N GLU A 296 -7.64 -13.30 -1.68
CA GLU A 296 -8.28 -14.48 -2.24
C GLU A 296 -7.55 -15.80 -1.96
N HIS A 297 -6.22 -15.76 -1.90
CA HIS A 297 -5.46 -16.98 -1.66
C HIS A 297 -4.92 -17.13 -0.25
N LEU A 298 -4.68 -16.03 0.47
CA LEU A 298 -4.13 -16.12 1.82
C LEU A 298 -5.04 -15.66 2.95
N GLY A 299 -6.17 -15.03 2.63
CA GLY A 299 -7.08 -14.61 3.68
C GLY A 299 -7.26 -13.13 3.99
N LYS A 300 -7.69 -12.85 5.22
CA LYS A 300 -7.90 -11.48 5.65
C LYS A 300 -6.61 -10.70 5.49
N THR A 301 -6.67 -9.63 4.71
CA THR A 301 -5.51 -8.82 4.39
C THR A 301 -5.59 -7.35 4.74
N ILE A 302 -4.42 -6.76 5.00
CA ILE A 302 -4.27 -5.34 5.33
C ILE A 302 -3.45 -4.67 4.23
N VAL A 303 -4.04 -3.74 3.51
CA VAL A 303 -3.32 -3.04 2.44
C VAL A 303 -2.74 -1.75 3.00
N TRP A 304 -1.44 -1.77 3.24
CA TRP A 304 -0.71 -0.63 3.78
C TRP A 304 -0.04 0.15 2.65
N GLY A 305 -0.50 1.39 2.46
CA GLY A 305 0.05 2.25 1.43
C GLY A 305 -0.37 3.71 1.60
N HIS A 306 -0.10 4.53 0.59
CA HIS A 306 -0.43 5.95 0.62
C HIS A 306 -1.95 6.15 0.55
N ASN A 307 -2.45 7.23 1.17
CA ASN A 307 -3.88 7.55 1.15
C ASN A 307 -4.44 7.48 -0.26
N GLY A 308 -3.66 7.94 -1.22
CA GLY A 308 -4.10 7.93 -2.61
C GLY A 308 -4.27 6.58 -3.25
N HIS A 309 -3.65 5.55 -2.70
CA HIS A 309 -3.77 4.22 -3.27
C HIS A 309 -4.79 3.31 -2.58
N VAL A 310 -5.32 3.74 -1.44
CA VAL A 310 -6.32 2.95 -0.72
C VAL A 310 -7.67 3.66 -0.63
N SER A 311 -7.73 4.94 -1.00
CA SER A 311 -8.98 5.69 -0.93
C SER A 311 -9.95 5.08 -1.92
N LYS A 312 -11.24 5.20 -1.65
CA LYS A 312 -12.25 4.61 -2.54
C LYS A 312 -12.54 5.52 -3.72
N THR A 313 -11.97 6.72 -3.71
CA THR A 313 -12.14 7.67 -4.81
C THR A 313 -10.74 8.09 -5.20
N ASN A 314 -10.62 8.66 -6.39
CA ASN A 314 -9.32 9.08 -6.93
C ASN A 314 -8.90 10.48 -6.51
N MSE A 315 -7.97 10.58 -5.57
CA MSE A 315 -7.49 11.88 -5.11
C MSE A 315 -6.15 12.20 -5.79
O MSE A 315 -5.59 13.28 -5.60
CB MSE A 315 -7.33 11.91 -3.59
CG MSE A 315 -6.24 11.02 -3.03
SE MSE A 315 -5.97 11.28 -1.12
CE MSE A 315 -7.27 10.03 -0.45
N LEU A 316 -5.67 11.26 -6.60
CA LEU A 316 -4.42 11.39 -7.34
C LEU A 316 -4.71 11.58 -8.82
N SER A 317 -5.93 12.03 -9.12
CA SER A 317 -6.34 12.23 -10.50
C SER A 317 -5.42 13.11 -11.35
N PHE A 318 -4.49 13.83 -10.73
CA PHE A 318 -3.61 14.66 -11.55
C PHE A 318 -2.63 13.82 -12.36
N ILE A 319 -2.54 12.51 -12.06
CA ILE A 319 -1.68 11.59 -12.78
C ILE A 319 -2.35 10.24 -13.04
N TYR A 320 -3.13 9.76 -12.07
CA TYR A 320 -3.82 8.47 -12.20
C TYR A 320 -5.24 8.57 -12.72
N PRO A 321 -5.61 7.70 -13.67
CA PRO A 321 -6.96 7.70 -14.22
C PRO A 321 -7.86 7.04 -13.18
N LYS A 322 -7.29 6.03 -12.51
CA LYS A 322 -7.95 5.26 -11.46
C LYS A 322 -6.87 4.73 -10.53
N VAL A 323 -7.22 4.56 -9.25
CA VAL A 323 -6.27 4.05 -8.26
C VAL A 323 -6.73 2.71 -7.69
N ALA A 324 -5.78 1.96 -7.13
CA ALA A 324 -6.04 0.64 -6.57
C ALA A 324 -7.29 0.57 -5.70
N GLY A 325 -7.47 1.59 -4.86
CA GLY A 325 -8.61 1.65 -3.97
C GLY A 325 -9.97 1.65 -4.65
N GLN A 326 -10.04 2.17 -5.87
CA GLN A 326 -11.32 2.17 -6.57
C GLN A 326 -11.64 0.79 -7.11
N HIS A 327 -10.61 0.07 -7.54
CA HIS A 327 -10.79 -1.29 -8.07
C HIS A 327 -11.18 -2.19 -6.91
N LEU A 328 -10.53 -1.98 -5.76
CA LEU A 328 -10.84 -2.79 -4.59
C LEU A 328 -12.28 -2.58 -4.11
N ALA A 329 -12.68 -1.33 -3.92
CA ALA A 329 -14.06 -1.05 -3.48
C ALA A 329 -15.06 -1.63 -4.50
N GLU A 330 -14.74 -1.44 -5.77
CA GLU A 330 -15.57 -1.91 -6.87
C GLU A 330 -15.74 -3.43 -6.88
N TYR A 331 -14.69 -4.16 -6.50
CA TYR A 331 -14.79 -5.61 -6.50
C TYR A 331 -15.31 -6.15 -5.15
N TYR A 332 -14.84 -5.58 -4.04
CA TYR A 332 -15.27 -6.07 -2.74
C TYR A 332 -16.53 -5.47 -2.16
N GLY A 333 -16.82 -4.23 -2.49
CA GLY A 333 -18.01 -3.62 -1.93
C GLY A 333 -17.83 -3.46 -0.43
N LYS A 334 -18.78 -3.96 0.35
CA LYS A 334 -18.69 -3.81 1.80
C LYS A 334 -17.62 -4.71 2.39
N ARG A 335 -16.96 -5.53 1.58
CA ARG A 335 -15.93 -6.40 2.12
C ARG A 335 -14.58 -5.68 2.24
N TYR A 336 -14.48 -4.51 1.60
CA TYR A 336 -13.27 -3.70 1.67
C TYR A 336 -13.57 -2.49 2.54
N VAL A 337 -12.77 -2.29 3.59
CA VAL A 337 -12.94 -1.15 4.47
C VAL A 337 -11.70 -0.29 4.25
N SER A 338 -11.90 1.01 4.07
CA SER A 338 -10.78 1.91 3.83
C SER A 338 -10.56 2.88 4.97
N ILE A 339 -9.38 2.82 5.55
CA ILE A 339 -9.01 3.71 6.65
C ILE A 339 -7.93 4.66 6.17
N GLY A 340 -8.15 5.96 6.35
CA GLY A 340 -7.16 6.92 5.93
C GLY A 340 -6.66 7.73 7.11
N THR A 341 -5.46 8.28 7.01
CA THR A 341 -4.89 9.10 8.08
C THR A 341 -4.85 10.54 7.59
N SER A 342 -4.91 11.48 8.53
CA SER A 342 -4.88 12.88 8.15
C SER A 342 -4.06 13.68 9.16
N VAL A 343 -3.48 14.77 8.70
CA VAL A 343 -2.63 15.58 9.54
C VAL A 343 -3.12 17.01 9.68
N TYR A 344 -2.34 17.81 10.41
CA TYR A 344 -2.67 19.22 10.63
C TYR A 344 -1.41 20.08 10.70
N GLU A 345 -0.62 19.92 11.76
CA GLU A 345 0.60 20.72 11.90
C GLU A 345 1.82 19.82 12.08
N GLY A 346 3.00 20.37 11.79
CA GLY A 346 4.22 19.60 11.94
C GLY A 346 5.12 19.57 10.72
N GLN A 347 6.15 18.74 10.78
CA GLN A 347 7.10 18.59 9.70
C GLN A 347 7.20 17.13 9.27
N TYR A 348 7.61 16.91 8.02
CA TYR A 348 7.73 15.57 7.48
C TYR A 348 8.84 15.50 6.45
N ASN A 349 9.27 14.28 6.13
CA ASN A 349 10.30 14.08 5.14
C ASN A 349 9.67 14.14 3.75
N VAL A 350 10.38 14.78 2.82
CA VAL A 350 9.93 14.90 1.45
C VAL A 350 11.15 15.23 0.61
N LYS A 351 11.11 14.93 -0.68
CA LYS A 351 12.24 15.25 -1.55
C LYS A 351 12.20 16.74 -1.87
N ASN A 352 13.33 17.43 -1.69
CA ASN A 352 13.39 18.87 -1.95
C ASN A 352 13.53 19.26 -3.42
N SER A 353 13.83 20.53 -3.63
CA SER A 353 13.99 21.09 -4.97
C SER A 353 15.13 20.44 -5.72
N ASP A 354 16.03 19.80 -4.98
CA ASP A 354 17.17 19.11 -5.58
C ASP A 354 16.93 17.62 -5.69
N GLY A 355 15.77 17.17 -5.24
CA GLY A 355 15.45 15.76 -5.31
C GLY A 355 15.95 14.91 -4.15
N GLU A 356 16.39 15.54 -3.08
CA GLU A 356 16.89 14.80 -1.92
C GLU A 356 15.80 14.64 -0.86
N PHE A 357 15.69 13.44 -0.31
CA PHE A 357 14.70 13.10 0.70
C PHE A 357 15.17 13.57 2.07
N GLY A 358 14.41 14.49 2.68
CA GLY A 358 14.78 15.01 3.99
C GLY A 358 13.66 15.72 4.73
N PRO A 359 13.90 16.23 5.93
CA PRO A 359 12.87 16.94 6.71
C PRO A 359 12.61 18.34 6.20
N TYR A 360 12.22 18.46 4.93
CA TYR A 360 11.95 19.75 4.32
C TYR A 360 10.48 20.08 4.19
N GLY A 361 9.63 19.21 4.72
CA GLY A 361 8.21 19.45 4.62
C GLY A 361 7.66 20.10 5.86
N THR A 362 6.84 21.13 5.67
CA THR A 362 6.21 21.84 6.78
C THR A 362 4.74 21.96 6.46
N LEU A 363 3.89 21.50 7.37
CA LEU A 363 2.46 21.57 7.15
C LEU A 363 1.94 23.00 7.31
N LYS A 364 1.10 23.42 6.36
CA LYS A 364 0.48 24.76 6.38
C LYS A 364 -1.01 24.60 6.15
N SER A 365 -1.74 24.24 7.20
CA SER A 365 -3.18 24.08 7.10
C SER A 365 -3.82 25.42 7.45
N ASP A 366 -3.56 26.39 6.59
CA ASP A 366 -4.05 27.76 6.71
C ASP A 366 -5.50 27.92 6.26
N ASP A 367 -5.88 27.16 5.24
CA ASP A 367 -7.23 27.23 4.69
C ASP A 367 -8.31 26.64 5.59
N PRO A 368 -9.23 27.50 6.07
CA PRO A 368 -10.32 27.05 6.95
C PRO A 368 -11.39 26.18 6.28
N ASN A 369 -11.26 25.94 4.98
CA ASN A 369 -12.23 25.11 4.27
C ASN A 369 -11.66 23.72 4.02
N SER A 370 -10.40 23.51 4.37
CA SER A 370 -9.78 22.22 4.16
C SER A 370 -10.10 21.26 5.31
N TYR A 371 -10.12 19.98 4.99
CA TYR A 371 -10.37 18.94 5.97
C TYR A 371 -9.31 18.97 7.07
N ASN A 372 -8.08 19.34 6.70
CA ASN A 372 -6.96 19.42 7.64
C ASN A 372 -7.24 20.44 8.74
N TYR A 373 -7.59 21.66 8.35
CA TYR A 373 -7.88 22.72 9.31
C TYR A 373 -9.06 22.32 10.20
N ILE A 374 -10.14 21.90 9.56
CA ILE A 374 -11.35 21.52 10.27
C ILE A 374 -11.14 20.39 11.27
N PHE A 375 -10.55 19.28 10.83
CA PHE A 375 -10.27 18.17 11.76
C PHE A 375 -9.18 18.64 12.74
N GLY A 376 -8.37 19.61 12.30
CA GLY A 376 -7.32 20.13 13.15
C GLY A 376 -7.81 20.95 14.33
N GLN A 377 -9.08 21.32 14.32
CA GLN A 377 -9.64 22.11 15.42
C GLN A 377 -10.19 21.23 16.55
N VAL A 378 -10.18 19.91 16.34
CA VAL A 378 -10.66 18.99 17.37
C VAL A 378 -9.61 19.00 18.48
N LYS A 379 -10.04 19.19 19.73
CA LYS A 379 -9.11 19.25 20.84
C LYS A 379 -8.59 17.93 21.38
N LYS A 380 -7.96 17.16 20.50
CA LYS A 380 -7.40 15.88 20.86
C LYS A 380 -6.14 15.66 20.03
N ASP A 381 -5.07 15.19 20.69
CA ASP A 381 -3.80 14.94 20.02
C ASP A 381 -3.97 13.97 18.85
N GLN A 382 -4.68 12.88 19.09
CA GLN A 382 -4.93 11.85 18.08
C GLN A 382 -6.33 11.26 18.33
N PHE A 383 -7.01 10.87 17.26
CA PHE A 383 -8.33 10.28 17.38
C PHE A 383 -8.78 9.72 16.05
N PHE A 384 -9.78 8.84 16.08
CA PHE A 384 -10.31 8.32 14.84
C PHE A 384 -11.82 8.41 14.88
N ILE A 385 -12.46 8.24 13.74
CA ILE A 385 -13.90 8.36 13.68
C ILE A 385 -14.48 7.64 12.50
N ASP A 386 -15.71 7.16 12.64
CA ASP A 386 -16.38 6.45 11.56
C ASP A 386 -17.14 7.48 10.72
N LEU A 387 -16.61 7.77 9.54
CA LEU A 387 -17.23 8.75 8.64
C LEU A 387 -18.58 8.25 8.12
N ARG A 388 -18.77 6.94 8.12
CA ARG A 388 -20.02 6.37 7.65
C ARG A 388 -21.18 6.64 8.60
N LYS A 389 -20.86 7.04 9.83
CA LYS A 389 -21.88 7.31 10.84
C LYS A 389 -22.25 8.78 10.99
N ALA A 390 -21.66 9.66 10.17
CA ALA A 390 -21.94 11.09 10.27
C ALA A 390 -23.40 11.45 9.99
N ASN A 391 -23.91 12.47 10.70
CA ASN A 391 -25.28 12.94 10.54
C ASN A 391 -25.28 14.44 10.27
N GLY A 392 -26.47 14.99 10.00
CA GLY A 392 -26.62 16.41 9.76
C GLY A 392 -25.74 17.02 8.69
N VAL A 393 -25.38 18.28 8.90
CA VAL A 393 -24.55 19.03 7.95
C VAL A 393 -23.18 18.39 7.78
N THR A 394 -22.69 17.74 8.83
CA THR A 394 -21.37 17.10 8.77
C THR A 394 -21.38 16.01 7.71
N LYS A 395 -22.51 15.31 7.61
CA LYS A 395 -22.65 14.25 6.63
C LYS A 395 -22.59 14.83 5.22
N THR A 396 -23.31 15.92 5.02
CA THR A 396 -23.36 16.61 3.72
C THR A 396 -21.99 17.16 3.36
N TRP A 397 -21.35 17.80 4.33
CA TRP A 397 -20.03 18.39 4.14
C TRP A 397 -18.99 17.32 3.78
N LEU A 398 -19.11 16.13 4.37
CA LEU A 398 -18.19 15.04 4.09
C LEU A 398 -18.37 14.48 2.67
N ASN A 399 -19.52 14.75 2.06
CA ASN A 399 -19.78 14.26 0.72
C ASN A 399 -19.57 15.30 -0.37
N GLU A 400 -18.96 16.42 0.02
CA GLU A 400 -18.66 17.48 -0.93
C GLU A 400 -17.16 17.54 -1.11
N GLN A 401 -16.72 18.07 -2.24
CA GLN A 401 -15.30 18.21 -2.53
C GLN A 401 -14.67 19.38 -1.77
N HIS A 402 -13.62 19.09 -1.01
CA HIS A 402 -12.91 20.11 -0.24
C HIS A 402 -11.41 19.81 -0.31
N PRO A 403 -10.57 20.84 -0.15
CA PRO A 403 -9.12 20.67 -0.21
C PRO A 403 -8.55 19.83 0.92
N ILE A 404 -7.51 19.07 0.60
CA ILE A 404 -6.85 18.24 1.59
C ILE A 404 -5.40 18.07 1.20
N PHE A 405 -4.54 18.03 2.21
CA PHE A 405 -3.11 17.84 2.01
C PHE A 405 -2.90 16.61 1.10
N ALA A 406 -2.12 16.77 0.03
CA ALA A 406 -1.88 15.68 -0.92
C ALA A 406 -0.84 14.67 -0.47
N GLY A 407 0.24 15.17 0.12
CA GLY A 407 1.28 14.28 0.62
C GLY A 407 2.15 13.56 -0.39
N ILE A 408 2.38 14.16 -1.55
CA ILE A 408 3.23 13.55 -2.57
C ILE A 408 4.68 13.54 -2.06
N THR A 409 5.45 12.52 -2.44
CA THR A 409 6.81 12.41 -1.97
C THR A 409 7.80 13.44 -2.53
N THR A 410 7.37 14.19 -3.55
CA THR A 410 8.23 15.22 -4.12
C THR A 410 7.55 16.58 -4.10
N GLU A 411 8.31 17.60 -3.75
CA GLU A 411 7.83 18.97 -3.69
C GLU A 411 8.36 19.63 -4.98
N GLY A 412 7.48 20.20 -5.79
CA GLY A 412 7.92 20.82 -7.02
C GLY A 412 6.84 21.71 -7.62
N PRO A 413 7.20 22.60 -8.56
CA PRO A 413 6.28 23.53 -9.22
C PRO A 413 5.07 22.83 -9.84
N ASP A 414 5.27 21.62 -10.33
CA ASP A 414 4.20 20.88 -10.98
C ASP A 414 3.58 19.80 -10.12
N ILE A 415 3.88 19.83 -8.83
CA ILE A 415 3.33 18.87 -7.91
C ILE A 415 2.44 19.61 -6.90
N PRO A 416 1.13 19.43 -7.00
CA PRO A 416 0.18 20.09 -6.10
C PRO A 416 0.38 19.67 -4.65
N LYS A 417 0.31 20.63 -3.72
CA LYS A 417 0.48 20.30 -2.32
C LYS A 417 -0.86 19.89 -1.70
N THR A 418 -1.96 20.26 -2.35
CA THR A 418 -3.29 19.88 -1.88
C THR A 418 -4.10 19.43 -3.10
N VAL A 419 -5.17 18.68 -2.83
CA VAL A 419 -6.05 18.20 -3.89
C VAL A 419 -7.47 18.22 -3.33
N ASP A 420 -8.46 18.27 -4.21
CA ASP A 420 -9.85 18.26 -3.77
C ASP A 420 -10.29 16.82 -3.58
N ILE A 421 -11.17 16.59 -2.62
CA ILE A 421 -11.62 15.22 -2.37
C ILE A 421 -12.86 15.26 -1.51
N SER A 422 -13.66 14.19 -1.59
CA SER A 422 -14.87 14.04 -0.78
C SER A 422 -14.45 13.02 0.26
N LEU A 423 -14.12 13.50 1.46
CA LEU A 423 -13.66 12.62 2.52
C LEU A 423 -14.59 11.46 2.81
N GLY A 424 -15.89 11.73 2.90
CA GLY A 424 -16.86 10.69 3.17
C GLY A 424 -16.91 9.62 2.10
N LYS A 425 -16.55 9.96 0.87
CA LYS A 425 -16.58 8.97 -0.21
C LYS A 425 -15.26 8.22 -0.32
N ALA A 426 -14.16 8.90 -0.01
CA ALA A 426 -12.85 8.28 -0.08
C ALA A 426 -12.56 7.29 1.05
N PHE A 427 -13.00 7.61 2.25
CA PHE A 427 -12.75 6.74 3.40
C PHE A 427 -13.94 6.43 4.30
N ASP A 428 -13.92 5.23 4.87
CA ASP A 428 -14.96 4.79 5.78
C ASP A 428 -14.54 5.23 7.19
N ILE A 429 -13.23 5.24 7.43
CA ILE A 429 -12.72 5.61 8.76
C ILE A 429 -11.53 6.56 8.65
N LEU A 430 -11.56 7.63 9.45
CA LEU A 430 -10.46 8.60 9.44
C LEU A 430 -9.74 8.68 10.78
N VAL A 431 -8.41 8.66 10.71
CA VAL A 431 -7.57 8.77 11.89
C VAL A 431 -6.80 10.08 11.77
N GLN A 432 -7.08 11.01 12.68
CA GLN A 432 -6.42 12.32 12.65
C GLN A 432 -5.29 12.39 13.68
N ILE A 433 -4.14 12.90 13.24
CA ILE A 433 -2.97 13.06 14.10
C ILE A 433 -2.63 14.55 13.96
N GLN A 434 -2.90 15.30 15.02
CA GLN A 434 -2.70 16.75 15.01
C GLN A 434 -1.26 17.25 14.86
N LYS A 435 -0.28 16.51 15.35
CA LYS A 435 1.10 16.96 15.15
C LYS A 435 2.04 15.82 14.78
N VAL A 436 2.71 15.97 13.64
CA VAL A 436 3.65 14.96 13.20
C VAL A 436 5.06 15.51 13.13
N SER A 437 6.02 14.60 13.09
CA SER A 437 7.44 14.93 12.99
C SER A 437 8.01 13.98 11.93
N PRO A 438 9.21 14.28 11.41
CA PRO A 438 9.86 13.45 10.38
C PRO A 438 10.11 11.98 10.72
N SER A 439 9.89 11.11 9.74
CA SER A 439 10.13 9.68 9.93
C SER A 439 11.62 9.57 10.23
N GLN A 440 12.02 8.53 10.95
CA GLN A 440 13.42 8.36 11.31
C GLN A 440 14.18 7.59 10.24
N VAL A 441 14.50 8.27 9.14
CA VAL A 441 15.21 7.66 8.03
C VAL A 441 16.66 7.30 8.35
N HIS A 442 17.04 6.08 7.99
CA HIS A 442 18.40 5.60 8.22
C HIS A 442 19.47 6.53 7.70
N GLN A 443 20.64 6.50 8.35
CA GLN A 443 21.75 7.32 7.95
C GLN A 443 23.03 6.51 7.85
CA CA B . 3.68 5.89 -2.61
#